data_1E4M
#
_entry.id   1E4M
#
_cell.length_a   135.300
_cell.length_b   137.200
_cell.length_c   80.600
_cell.angle_alpha   90.00
_cell.angle_beta   90.00
_cell.angle_gamma   90.00
#
_symmetry.space_group_name_H-M   'C 2 2 21'
#
loop_
_entity.id
_entity.type
_entity.pdbx_description
1 polymer 'MYROSINASE MA1'
2 branched 2-acetamido-2-deoxy-beta-D-glucopyranose-(1-4)-2-acetamido-2-deoxy-beta-D-glucopyranose
3 branched beta-D-xylopyranose-(1-2)-beta-D-mannopyranose-(1-4)-2-acetamido-2-deoxy-beta-D-glucopyranose-(1-4)-[alpha-L-fucopyranose-(1-3)]2-acetamido-2-deoxy-beta-D-glucopyranose
4 branched beta-D-xylopyranose-(1-2)-[alpha-D-mannopyranose-(1-3)][alpha-D-mannopyranose-(1-6)]beta-D-mannopyranose-(1-4)-2-acetamido-2-deoxy-beta-D-glucopyranose-(1-4)-[alpha-L-fucopyranose-(1-3)]2-acetamido-2-deoxy-beta-D-glucopyranose
5 non-polymer 2-acetamido-2-deoxy-beta-D-glucopyranose
6 non-polymer 'ZINC ION'
7 non-polymer 'SULFATE ION'
8 non-polymer GLYCEROL
9 water water
#
_entity_poly.entity_id   1
_entity_poly.type   'polypeptide(L)'
_entity_poly.pdbx_seq_one_letter_code
;DEEITCQENLPFTCGNTDALNSSSFSSDFIFGVASSAYQIEGTIGRGLNIWDGFTHRYPNKSGPDHGNGDTTCDSFSYWQ
KDIDVLDELNATGYRFSIAWSRIIPRGKRSRGVNEKGIDYYHGLISGLIKKGITPFVTLFHWDLPQTLQDEYEGFLDPQI
IDDFKDYADLCFEEFGDSVKYWLTINQLYSVPTRGYGSALDAPGRCSPTVDPSCYAGNSSTEPYIVAHHQLLAHAKVVDL
YRKNYTHQGGKIGPTMITRWFLPYNDTDRHSIAATERMKEFFLGWFMGPLTNGTYPQIMIDTVGERLPSFSPEESNLVKG
SYDFLGLNYYFTQYAQPSPNPVNSTNHTAMMDAGAKLTYINASGHYIGPLFEKDKADSTDNIYYYPKGIYSVMDYFKNKY
YNPLIYVTENGISTPGDENRNQSMLDYTRIDYLCSHLCFLNKVIKEKDVNVKGYLAWALGDNYEFNKGFTVRFGLSYIDW
NNVTDRDLKKSGQWYQSFISP
;
_entity_poly.pdbx_strand_id   M
#
loop_
_chem_comp.id
_chem_comp.type
_chem_comp.name
_chem_comp.formula
BMA D-saccharide, beta linking beta-D-mannopyranose 'C6 H12 O6'
FUC L-saccharide, alpha linking alpha-L-fucopyranose 'C6 H12 O5'
GOL non-polymer GLYCEROL 'C3 H8 O3'
MAN D-saccharide, alpha linking alpha-D-mannopyranose 'C6 H12 O6'
NAG D-saccharide, beta linking 2-acetamido-2-deoxy-beta-D-glucopyranose 'C8 H15 N O6'
SO4 non-polymer 'SULFATE ION' 'O4 S -2'
XYP D-saccharide, beta linking beta-D-xylopyranose 'C5 H10 O5'
ZN non-polymer 'ZINC ION' 'Zn 2'
#
# COMPACT_ATOMS: atom_id res chain seq x y z
N GLU A 3 -24.74 20.88 3.07
CA GLU A 3 -23.74 20.49 4.09
C GLU A 3 -23.75 18.97 4.31
N ILE A 4 -22.54 18.44 4.30
CA ILE A 4 -22.33 16.99 4.47
C ILE A 4 -21.99 16.65 5.90
N THR A 5 -22.71 15.70 6.42
CA THR A 5 -22.48 15.14 7.75
C THR A 5 -22.09 13.68 7.56
N CYS A 6 -21.03 13.26 8.21
CA CYS A 6 -20.54 11.91 8.16
C CYS A 6 -20.42 11.31 9.55
N GLN A 7 -20.73 10.06 9.71
CA GLN A 7 -20.67 9.35 10.98
C GLN A 7 -19.26 8.86 11.28
N GLU A 8 -18.88 8.90 12.56
CA GLU A 8 -17.63 8.38 13.02
C GLU A 8 -17.73 7.11 13.85
N ASN A 9 -18.95 6.82 14.31
CA ASN A 9 -19.12 5.70 15.20
C ASN A 9 -20.25 4.82 14.75
N LEU A 10 -20.20 3.54 15.12
CA LEU A 10 -21.34 2.67 14.88
C LEU A 10 -22.58 3.16 15.59
N PRO A 11 -23.77 2.97 15.02
CA PRO A 11 -24.01 2.37 13.71
C PRO A 11 -23.88 3.40 12.63
N PHE A 12 -23.52 2.91 11.46
CA PHE A 12 -23.40 3.68 10.25
C PHE A 12 -24.67 3.49 9.42
N THR A 13 -25.02 4.55 8.71
CA THR A 13 -26.19 4.52 7.83
C THR A 13 -25.79 4.86 6.42
N CYS A 14 -24.49 4.93 6.14
CA CYS A 14 -24.03 5.29 4.81
C CYS A 14 -24.04 4.14 3.84
N GLY A 15 -24.58 2.97 4.15
CA GLY A 15 -24.71 1.88 3.22
C GLY A 15 -25.97 2.02 2.38
N ASN A 16 -26.74 3.06 2.62
CA ASN A 16 -27.93 3.30 1.86
C ASN A 16 -27.55 4.14 0.65
N THR A 17 -27.64 3.54 -0.53
CA THR A 17 -27.21 4.23 -1.74
C THR A 17 -28.15 5.33 -2.19
N ASP A 18 -29.27 5.51 -1.52
CA ASP A 18 -30.12 6.65 -1.67
C ASP A 18 -29.45 7.91 -1.11
N ALA A 19 -28.57 7.77 -0.14
CA ALA A 19 -27.92 8.88 0.53
C ALA A 19 -26.46 9.04 0.08
N LEU A 20 -25.77 7.96 -0.29
CA LEU A 20 -24.37 8.06 -0.67
C LEU A 20 -24.15 7.13 -1.85
N ASN A 21 -23.68 7.70 -2.98
CA ASN A 21 -23.46 6.86 -4.16
C ASN A 21 -22.45 7.56 -5.04
N SER A 22 -22.12 6.97 -6.17
CA SER A 22 -21.09 7.55 -7.02
C SER A 22 -21.49 8.92 -7.55
N SER A 23 -22.77 9.18 -7.68
CA SER A 23 -23.24 10.48 -8.17
C SER A 23 -23.02 11.60 -7.20
N SER A 24 -22.66 11.23 -5.96
CA SER A 24 -22.30 12.20 -4.95
C SER A 24 -20.95 12.82 -5.29
N PHE A 25 -20.14 12.15 -6.10
CA PHE A 25 -18.81 12.56 -6.49
C PHE A 25 -18.83 13.16 -7.88
N SER A 26 -17.75 13.79 -8.36
CA SER A 26 -17.69 14.34 -9.71
C SER A 26 -17.89 13.27 -10.75
N SER A 27 -18.41 13.69 -11.95
CA SER A 27 -18.70 12.66 -12.94
C SER A 27 -17.50 11.82 -13.37
N ASP A 28 -16.35 12.42 -13.42
CA ASP A 28 -15.17 11.69 -13.90
C ASP A 28 -14.51 10.81 -12.85
N PHE A 29 -15.02 10.79 -11.62
CA PHE A 29 -14.31 10.15 -10.51
C PHE A 29 -14.24 8.67 -10.79
N ILE A 30 -13.10 8.06 -10.57
CA ILE A 30 -12.88 6.64 -10.82
C ILE A 30 -13.18 5.84 -9.57
N PHE A 31 -13.93 4.76 -9.74
CA PHE A 31 -14.19 3.84 -8.64
C PHE A 31 -13.75 2.45 -9.08
N GLY A 32 -13.04 1.76 -8.18
CA GLY A 32 -12.68 0.38 -8.47
C GLY A 32 -12.16 -0.31 -7.25
N VAL A 33 -11.28 -1.29 -7.54
CA VAL A 33 -10.68 -2.13 -6.54
C VAL A 33 -9.22 -2.36 -6.93
N ALA A 34 -8.48 -2.96 -6.00
CA ALA A 34 -7.03 -3.14 -6.11
C ALA A 34 -6.61 -4.56 -5.74
N SER A 35 -5.42 -4.91 -6.21
CA SER A 35 -4.79 -6.19 -5.95
C SER A 35 -3.29 -6.01 -6.05
N SER A 36 -2.54 -7.09 -5.74
CA SER A 36 -1.12 -7.12 -6.08
C SER A 36 -0.72 -8.53 -6.51
N ALA A 37 0.37 -8.56 -7.24
CA ALA A 37 0.73 -9.77 -7.98
C ALA A 37 1.11 -10.93 -7.10
N TYR A 38 1.90 -10.73 -6.05
CA TYR A 38 2.26 -11.83 -5.18
C TYR A 38 1.02 -12.41 -4.55
N GLN A 39 0.08 -11.51 -4.20
CA GLN A 39 -1.07 -11.93 -3.45
C GLN A 39 -2.07 -12.69 -4.24
N ILE A 40 -2.12 -12.54 -5.56
CA ILE A 40 -3.14 -13.15 -6.39
C ILE A 40 -2.69 -14.11 -7.47
N GLU A 41 -1.46 -14.00 -8.00
CA GLU A 41 -1.22 -14.73 -9.24
C GLU A 41 -0.89 -16.19 -9.08
N GLY A 42 -0.02 -16.50 -8.14
CA GLY A 42 0.66 -17.77 -8.03
C GLY A 42 2.02 -17.72 -8.69
N THR A 43 2.86 -18.69 -8.35
CA THR A 43 4.21 -18.78 -8.87
C THR A 43 4.30 -19.37 -10.28
N ILE A 44 3.25 -20.03 -10.73
CA ILE A 44 3.29 -20.60 -12.08
C ILE A 44 3.71 -19.55 -13.07
N GLY A 45 4.67 -19.88 -13.95
CA GLY A 45 5.06 -19.00 -15.01
C GLY A 45 5.97 -17.86 -14.65
N ARG A 46 6.44 -17.78 -13.41
CA ARG A 46 7.36 -16.72 -13.04
C ARG A 46 8.54 -17.27 -12.26
N GLY A 47 9.59 -16.41 -12.21
CA GLY A 47 10.69 -16.70 -11.32
C GLY A 47 10.32 -16.46 -9.88
N LEU A 48 11.31 -16.66 -8.99
CA LEU A 48 11.13 -16.53 -7.56
C LEU A 48 11.55 -15.16 -7.11
N ASN A 49 10.79 -14.65 -6.13
CA ASN A 49 11.02 -13.32 -5.55
C ASN A 49 11.21 -13.46 -4.05
N ILE A 50 11.48 -12.30 -3.42
CA ILE A 50 11.81 -12.35 -1.98
C ILE A 50 10.60 -12.66 -1.13
N TRP A 51 9.36 -12.49 -1.62
CA TRP A 51 8.23 -12.96 -0.85
C TRP A 51 8.11 -14.45 -0.93
N ASP A 52 8.45 -15.11 -2.05
CA ASP A 52 8.59 -16.55 -2.06
C ASP A 52 9.69 -16.93 -1.06
N GLY A 53 10.85 -16.25 -1.17
CA GLY A 53 11.97 -16.63 -0.31
C GLY A 53 11.67 -16.50 1.14
N PHE A 54 11.07 -15.39 1.52
CA PHE A 54 10.79 -15.10 2.91
C PHE A 54 9.74 -16.05 3.47
N THR A 55 8.66 -16.23 2.73
CA THR A 55 7.61 -17.11 3.24
C THR A 55 8.03 -18.55 3.36
N HIS A 56 9.00 -18.97 2.54
CA HIS A 56 9.51 -20.32 2.56
C HIS A 56 10.62 -20.53 3.60
N ARG A 57 11.45 -19.51 3.79
CA ARG A 57 12.52 -19.64 4.77
C ARG A 57 12.05 -19.44 6.18
N TYR A 58 11.03 -18.59 6.34
CA TYR A 58 10.47 -18.17 7.64
C TYR A 58 8.98 -18.40 7.62
N PRO A 59 8.53 -19.65 7.57
CA PRO A 59 7.11 -19.91 7.40
C PRO A 59 6.26 -19.34 8.50
N ASN A 60 6.75 -19.28 9.74
CA ASN A 60 5.90 -18.67 10.75
C ASN A 60 5.74 -17.18 10.60
N LYS A 61 6.50 -16.50 9.75
CA LYS A 61 6.31 -15.10 9.46
C LYS A 61 5.39 -14.92 8.25
N SER A 62 5.10 -15.98 7.50
CA SER A 62 4.24 -15.84 6.35
C SER A 62 2.80 -15.64 6.75
N GLY A 63 2.40 -16.26 7.86
CA GLY A 63 1.07 -16.21 8.42
C GLY A 63 0.93 -17.27 9.46
N PRO A 64 -0.09 -17.21 10.30
CA PRO A 64 -0.26 -18.23 11.33
C PRO A 64 -0.50 -19.59 10.74
N ASP A 65 -1.05 -19.67 9.55
CA ASP A 65 -1.31 -20.90 8.82
C ASP A 65 -0.13 -21.31 7.94
N HIS A 66 0.94 -20.53 7.99
CA HIS A 66 2.10 -20.76 7.13
C HIS A 66 1.71 -20.64 5.67
N GLY A 67 0.65 -19.92 5.33
CA GLY A 67 0.21 -19.75 3.98
C GLY A 67 1.14 -18.89 3.17
N ASN A 68 1.11 -19.02 1.86
CA ASN A 68 1.96 -18.19 1.01
C ASN A 68 1.28 -18.01 -0.34
N GLY A 69 1.95 -17.31 -1.22
CA GLY A 69 1.43 -17.00 -2.53
C GLY A 69 1.71 -18.06 -3.57
N ASP A 70 1.99 -19.29 -3.22
CA ASP A 70 2.32 -20.27 -4.25
C ASP A 70 1.19 -20.45 -5.30
N THR A 71 -0.02 -20.56 -4.79
CA THR A 71 -1.14 -20.76 -5.72
C THR A 71 -2.17 -19.69 -5.52
N THR A 72 -2.49 -19.35 -4.27
CA THR A 72 -3.45 -18.28 -3.94
C THR A 72 -4.70 -18.40 -4.80
N CYS A 73 -5.22 -17.29 -5.27
CA CYS A 73 -6.45 -17.32 -6.06
C CYS A 73 -6.20 -17.63 -7.51
N ASP A 74 -4.94 -17.91 -7.89
CA ASP A 74 -4.61 -18.34 -9.22
C ASP A 74 -5.15 -17.35 -10.27
N SER A 75 -4.83 -16.08 -10.08
CA SER A 75 -5.14 -15.09 -11.13
C SER A 75 -4.25 -15.27 -12.32
N PHE A 76 -3.17 -16.04 -12.26
CA PHE A 76 -2.51 -16.41 -13.50
C PHE A 76 -3.50 -17.14 -14.42
N SER A 77 -4.24 -18.10 -13.89
CA SER A 77 -5.18 -18.83 -14.69
C SER A 77 -6.50 -18.09 -14.86
N TYR A 78 -6.92 -17.38 -13.82
CA TYR A 78 -8.28 -16.88 -13.74
C TYR A 78 -8.36 -15.39 -13.83
N TRP A 79 -7.43 -14.73 -14.51
CA TRP A 79 -7.44 -13.28 -14.70
C TRP A 79 -8.75 -12.86 -15.34
N GLN A 80 -9.34 -13.68 -16.23
CA GLN A 80 -10.59 -13.26 -16.84
C GLN A 80 -11.68 -13.16 -15.81
N LYS A 81 -11.64 -14.04 -14.79
CA LYS A 81 -12.61 -13.97 -13.73
C LYS A 81 -12.48 -12.71 -12.89
N ASP A 82 -11.24 -12.19 -12.79
CA ASP A 82 -11.03 -10.90 -12.13
C ASP A 82 -11.72 -9.79 -12.95
N ILE A 83 -11.47 -9.79 -14.27
CA ILE A 83 -12.12 -8.84 -15.14
C ILE A 83 -13.64 -8.92 -14.98
N ASP A 84 -14.14 -10.16 -14.91
CA ASP A 84 -15.61 -10.36 -14.76
C ASP A 84 -16.12 -9.70 -13.49
N VAL A 85 -15.41 -9.77 -12.38
CA VAL A 85 -15.83 -9.12 -11.15
C VAL A 85 -15.90 -7.61 -11.39
N LEU A 86 -14.87 -7.04 -12.00
CA LEU A 86 -14.82 -5.62 -12.27
C LEU A 86 -15.97 -5.19 -13.17
N ASP A 87 -16.26 -6.02 -14.17
CA ASP A 87 -17.38 -5.73 -15.07
C ASP A 87 -18.72 -5.78 -14.34
N GLU A 88 -18.88 -6.76 -13.46
CA GLU A 88 -20.06 -6.84 -12.62
C GLU A 88 -20.22 -5.61 -11.75
N LEU A 89 -19.11 -5.12 -11.23
CA LEU A 89 -19.14 -3.91 -10.42
C LEU A 89 -19.42 -2.66 -11.24
N ASN A 90 -19.25 -2.69 -12.56
CA ASN A 90 -19.23 -1.51 -13.37
C ASN A 90 -18.10 -0.59 -12.90
N ALA A 91 -16.99 -1.20 -12.44
CA ALA A 91 -15.85 -0.44 -12.00
C ALA A 91 -15.25 0.28 -13.18
N THR A 92 -14.65 1.45 -12.92
CA THR A 92 -13.95 2.22 -13.90
C THR A 92 -12.46 2.20 -13.67
N GLY A 93 -11.99 1.61 -12.58
CA GLY A 93 -10.55 1.47 -12.36
C GLY A 93 -10.24 0.12 -11.72
N TYR A 94 -9.00 -0.30 -11.99
CA TYR A 94 -8.46 -1.48 -11.33
C TYR A 94 -6.99 -1.25 -11.14
N ARG A 95 -6.54 -1.38 -9.89
CA ARG A 95 -5.12 -1.35 -9.61
C ARG A 95 -4.61 -2.78 -9.45
N PHE A 96 -3.59 -3.11 -10.23
CA PHE A 96 -2.92 -4.39 -10.08
C PHE A 96 -1.44 -4.11 -10.16
N SER A 97 -0.64 -5.12 -9.83
CA SER A 97 0.81 -4.94 -9.99
C SER A 97 1.35 -5.92 -11.00
N ILE A 98 2.49 -5.53 -11.58
CA ILE A 98 3.28 -6.41 -12.41
C ILE A 98 4.31 -7.10 -11.54
N ALA A 99 4.38 -8.42 -11.64
CA ALA A 99 5.46 -9.13 -10.94
C ALA A 99 6.70 -8.99 -11.77
N TRP A 100 7.72 -8.32 -11.21
CA TRP A 100 9.01 -8.24 -11.85
C TRP A 100 9.51 -9.61 -12.23
N SER A 101 9.34 -10.58 -11.31
CA SER A 101 9.81 -11.94 -11.57
C SER A 101 9.08 -12.65 -12.67
N ARG A 102 7.89 -12.16 -13.08
CA ARG A 102 7.19 -12.76 -14.21
C ARG A 102 7.72 -12.26 -15.51
N ILE A 103 8.14 -11.00 -15.59
CA ILE A 103 8.62 -10.49 -16.89
C ILE A 103 10.13 -10.50 -17.02
N ILE A 104 10.88 -10.40 -15.93
CA ILE A 104 12.33 -10.55 -15.98
C ILE A 104 12.70 -11.46 -14.83
N PRO A 105 12.50 -12.79 -15.01
CA PRO A 105 12.80 -13.72 -13.95
C PRO A 105 14.20 -13.64 -13.42
N ARG A 106 15.18 -13.26 -14.23
CA ARG A 106 16.58 -13.17 -13.80
C ARG A 106 16.91 -11.79 -13.26
N GLY A 107 15.92 -10.94 -13.04
CA GLY A 107 16.09 -9.65 -12.39
C GLY A 107 16.60 -8.54 -13.28
N LYS A 108 17.80 -8.72 -13.82
CA LYS A 108 18.46 -7.76 -14.66
C LYS A 108 18.01 -7.98 -16.09
N ARG A 109 17.50 -6.93 -16.72
CA ARG A 109 16.90 -7.00 -18.04
C ARG A 109 17.81 -7.58 -19.10
N SER A 110 19.11 -7.31 -19.03
CA SER A 110 20.02 -7.86 -20.04
C SER A 110 20.09 -9.38 -20.03
N ARG A 111 19.65 -10.04 -18.96
CA ARG A 111 19.60 -11.47 -18.89
C ARG A 111 18.43 -12.07 -19.64
N GLY A 112 17.55 -11.25 -20.18
CA GLY A 112 16.46 -11.75 -20.99
C GLY A 112 15.12 -11.49 -20.32
N VAL A 113 14.10 -11.47 -21.15
CA VAL A 113 12.77 -11.29 -20.71
C VAL A 113 11.96 -12.54 -20.90
N ASN A 114 10.86 -12.65 -20.19
CA ASN A 114 9.94 -13.77 -20.33
C ASN A 114 8.80 -13.30 -21.22
N GLU A 115 8.81 -13.67 -22.48
CA GLU A 115 7.77 -13.22 -23.39
C GLU A 115 6.39 -13.66 -22.97
N LYS A 116 6.30 -14.87 -22.43
CA LYS A 116 4.97 -15.34 -22.01
C LYS A 116 4.47 -14.53 -20.84
N GLY A 117 5.36 -14.06 -19.96
CA GLY A 117 4.97 -13.18 -18.86
C GLY A 117 4.45 -11.87 -19.37
N ILE A 118 5.17 -11.31 -20.38
CA ILE A 118 4.69 -10.08 -21.01
C ILE A 118 3.31 -10.27 -21.61
N ASP A 119 3.10 -11.43 -22.28
CA ASP A 119 1.80 -11.72 -22.87
C ASP A 119 0.69 -11.81 -21.85
N TYR A 120 1.00 -12.34 -20.66
CA TYR A 120 0.01 -12.40 -19.61
C TYR A 120 -0.51 -11.00 -19.30
N TYR A 121 0.35 -10.03 -19.10
CA TYR A 121 -0.12 -8.70 -18.75
C TYR A 121 -0.75 -8.01 -19.96
N HIS A 122 -0.28 -8.27 -21.17
CA HIS A 122 -0.95 -7.72 -22.33
C HIS A 122 -2.41 -8.17 -22.38
N GLY A 123 -2.67 -9.43 -22.13
CA GLY A 123 -4.03 -9.93 -22.22
C GLY A 123 -4.90 -9.33 -21.12
N LEU A 124 -4.36 -9.23 -19.91
CA LEU A 124 -5.12 -8.60 -18.83
C LEU A 124 -5.48 -7.15 -19.16
N ILE A 125 -4.45 -6.40 -19.59
CA ILE A 125 -4.65 -4.99 -19.89
C ILE A 125 -5.68 -4.82 -21.01
N SER A 126 -5.53 -5.62 -22.08
CA SER A 126 -6.45 -5.51 -23.17
C SER A 126 -7.88 -5.83 -22.70
N GLY A 127 -8.01 -6.84 -21.85
CA GLY A 127 -9.31 -7.22 -21.36
C GLY A 127 -9.93 -6.15 -20.50
N LEU A 128 -9.13 -5.48 -19.66
CA LEU A 128 -9.65 -4.40 -18.86
C LEU A 128 -10.16 -3.26 -19.72
N ILE A 129 -9.31 -2.84 -20.66
CA ILE A 129 -9.68 -1.71 -21.50
C ILE A 129 -10.93 -2.04 -22.29
N LYS A 130 -11.10 -3.26 -22.76
CA LYS A 130 -12.28 -3.66 -23.51
C LYS A 130 -13.54 -3.53 -22.70
N LYS A 131 -13.46 -3.58 -21.38
CA LYS A 131 -14.60 -3.45 -20.51
C LYS A 131 -14.67 -2.05 -19.90
N GLY A 132 -13.88 -1.09 -20.41
CA GLY A 132 -13.96 0.28 -19.96
C GLY A 132 -13.33 0.51 -18.61
N ILE A 133 -12.37 -0.31 -18.23
CA ILE A 133 -11.74 -0.18 -16.91
C ILE A 133 -10.36 0.42 -17.13
N THR A 134 -10.06 1.46 -16.38
CA THR A 134 -8.78 2.10 -16.44
C THR A 134 -7.77 1.36 -15.56
N PRO A 135 -6.67 0.86 -16.11
CA PRO A 135 -5.67 0.25 -15.29
C PRO A 135 -4.85 1.27 -14.54
N PHE A 136 -4.53 0.96 -13.29
CA PHE A 136 -3.57 1.66 -12.44
C PHE A 136 -2.50 0.60 -12.11
N VAL A 137 -1.30 0.70 -12.65
CA VAL A 137 -0.41 -0.42 -12.58
C VAL A 137 0.78 -0.12 -11.68
N THR A 138 0.93 -0.92 -10.64
CA THR A 138 2.04 -0.83 -9.74
C THR A 138 3.24 -1.60 -10.29
N LEU A 139 4.37 -0.93 -10.49
CA LEU A 139 5.57 -1.63 -10.98
C LEU A 139 6.13 -2.54 -9.92
N PHE A 140 6.14 -2.10 -8.66
CA PHE A 140 6.83 -2.83 -7.62
C PHE A 140 6.01 -2.90 -6.38
N HIS A 141 5.33 -4.02 -6.16
CA HIS A 141 4.54 -4.30 -4.98
C HIS A 141 5.27 -5.34 -4.12
N TRP A 142 6.55 -5.04 -3.83
CA TRP A 142 7.37 -5.70 -2.83
C TRP A 142 8.05 -6.98 -3.33
N ASP A 143 7.66 -7.49 -4.44
CA ASP A 143 8.05 -8.81 -4.92
C ASP A 143 9.34 -8.73 -5.74
N LEU A 144 10.42 -8.40 -5.08
CA LEU A 144 11.72 -8.25 -5.76
C LEU A 144 12.25 -9.59 -6.17
N PRO A 145 12.73 -9.77 -7.42
CA PRO A 145 13.37 -11.00 -7.79
C PRO A 145 14.42 -11.45 -6.77
N GLN A 146 14.39 -12.70 -6.37
CA GLN A 146 15.27 -13.21 -5.34
C GLN A 146 16.73 -13.03 -5.72
N THR A 147 17.01 -13.23 -6.99
CA THR A 147 18.40 -13.05 -7.46
C THR A 147 18.97 -11.72 -7.04
N LEU A 148 18.16 -10.65 -7.11
CA LEU A 148 18.70 -9.31 -6.77
C LEU A 148 18.98 -9.17 -5.29
N GLN A 149 18.11 -9.75 -4.48
CA GLN A 149 18.39 -9.78 -3.06
C GLN A 149 19.63 -10.57 -2.75
N ASP A 150 19.83 -11.68 -3.47
CA ASP A 150 21.00 -12.48 -3.19
C ASP A 150 22.27 -11.89 -3.78
N GLU A 151 22.18 -11.21 -4.91
CA GLU A 151 23.37 -10.60 -5.48
C GLU A 151 23.86 -9.44 -4.64
N TYR A 152 22.97 -8.55 -4.21
CA TYR A 152 23.40 -7.32 -3.57
C TYR A 152 22.49 -6.83 -2.49
N GLU A 153 21.61 -7.69 -2.02
CA GLU A 153 20.65 -7.34 -0.96
C GLU A 153 19.69 -6.26 -1.42
N GLY A 154 19.31 -6.32 -2.71
CA GLY A 154 18.17 -5.56 -3.15
C GLY A 154 18.27 -4.09 -2.87
N PHE A 155 17.21 -3.54 -2.29
CA PHE A 155 17.17 -2.11 -2.04
C PHE A 155 18.18 -1.64 -1.04
N LEU A 156 18.90 -2.54 -0.37
CA LEU A 156 20.00 -2.11 0.47
C LEU A 156 21.15 -1.50 -0.31
N ASP A 157 21.25 -1.80 -1.60
CA ASP A 157 22.40 -1.41 -2.39
C ASP A 157 21.99 -0.50 -3.50
N PRO A 158 22.84 0.48 -3.88
CA PRO A 158 22.47 1.38 -4.97
C PRO A 158 22.38 0.72 -6.32
N GLN A 159 22.86 -0.52 -6.49
CA GLN A 159 22.68 -1.26 -7.71
C GLN A 159 21.22 -1.46 -8.07
N ILE A 160 20.33 -1.39 -7.08
CA ILE A 160 18.92 -1.53 -7.34
C ILE A 160 18.43 -0.50 -8.31
N ILE A 161 19.00 0.72 -8.30
CA ILE A 161 18.45 1.81 -9.04
C ILE A 161 18.40 1.51 -10.52
N ASP A 162 19.54 1.10 -11.08
CA ASP A 162 19.56 0.80 -12.51
C ASP A 162 18.79 -0.46 -12.86
N ASP A 163 18.77 -1.47 -12.00
CA ASP A 163 17.98 -2.67 -12.31
C ASP A 163 16.51 -2.31 -12.28
N PHE A 164 16.03 -1.53 -11.34
CA PHE A 164 14.66 -1.10 -11.31
C PHE A 164 14.31 -0.24 -12.52
N LYS A 165 15.23 0.66 -12.89
CA LYS A 165 15.00 1.50 -14.05
C LYS A 165 14.83 0.70 -15.32
N ASP A 166 15.69 -0.32 -15.51
CA ASP A 166 15.60 -1.11 -16.74
C ASP A 166 14.32 -1.93 -16.76
N TYR A 167 13.85 -2.42 -15.63
CA TYR A 167 12.58 -3.12 -15.50
C TYR A 167 11.43 -2.18 -15.85
N ALA A 168 11.45 -0.99 -15.23
CA ALA A 168 10.39 -0.06 -15.53
C ALA A 168 10.36 0.33 -16.99
N ASP A 169 11.54 0.53 -17.58
CA ASP A 169 11.60 0.88 -19.00
C ASP A 169 10.92 -0.19 -19.84
N LEU A 170 11.15 -1.48 -19.50
CA LEU A 170 10.49 -2.54 -20.24
C LEU A 170 8.98 -2.46 -20.09
N CYS A 171 8.52 -2.18 -18.88
CA CYS A 171 7.07 -2.04 -18.66
C CYS A 171 6.49 -0.90 -19.46
N PHE A 172 7.15 0.27 -19.47
CA PHE A 172 6.61 1.39 -20.24
C PHE A 172 6.61 1.04 -21.72
N GLU A 173 7.71 0.43 -22.19
CA GLU A 173 7.79 0.07 -23.61
C GLU A 173 6.69 -0.91 -23.97
N GLU A 174 6.44 -1.91 -23.17
CA GLU A 174 5.50 -2.97 -23.55
C GLU A 174 4.08 -2.58 -23.29
N PHE A 175 3.81 -1.84 -22.22
CA PHE A 175 2.42 -1.67 -21.80
C PHE A 175 1.94 -0.24 -21.80
N GLY A 176 2.87 0.74 -21.95
CA GLY A 176 2.48 2.13 -21.76
C GLY A 176 1.62 2.72 -22.85
N ASP A 177 1.53 2.04 -24.00
CA ASP A 177 0.57 2.51 -24.99
C ASP A 177 -0.85 2.36 -24.47
N SER A 178 -1.09 1.45 -23.53
CA SER A 178 -2.42 1.24 -23.00
C SER A 178 -2.54 1.68 -21.57
N VAL A 179 -1.52 1.58 -20.76
CA VAL A 179 -1.53 1.94 -19.36
C VAL A 179 -1.16 3.40 -19.24
N LYS A 180 -2.01 4.21 -18.59
CA LYS A 180 -1.81 5.64 -18.45
C LYS A 180 -1.66 6.10 -17.05
N TYR A 181 -1.72 5.17 -16.08
CA TYR A 181 -1.52 5.48 -14.69
C TYR A 181 -0.58 4.42 -14.11
N TRP A 182 0.59 4.87 -13.72
CA TRP A 182 1.62 4.03 -13.18
C TRP A 182 1.94 4.40 -11.76
N LEU A 183 2.11 3.39 -10.92
CA LEU A 183 2.61 3.54 -9.55
C LEU A 183 3.98 2.92 -9.52
N THR A 184 4.93 3.57 -8.86
CA THR A 184 6.28 3.02 -8.82
C THR A 184 6.45 1.98 -7.76
N ILE A 185 6.55 2.36 -6.52
CA ILE A 185 6.80 1.51 -5.38
C ILE A 185 5.61 1.56 -4.48
N ASN A 186 5.06 0.40 -4.11
CA ASN A 186 3.97 0.35 -3.16
C ASN A 186 4.40 0.72 -1.77
N GLN A 187 3.66 1.57 -1.06
CA GLN A 187 3.80 1.98 0.35
C GLN A 187 5.28 2.13 0.71
N LEU A 188 5.83 3.29 0.39
CA LEU A 188 7.24 3.51 0.61
C LEU A 188 7.73 3.19 2.02
N TYR A 189 6.91 3.49 3.05
CA TYR A 189 7.33 3.25 4.42
C TYR A 189 7.53 1.79 4.78
N SER A 190 6.81 0.88 4.11
CA SER A 190 6.71 -0.47 4.59
C SER A 190 7.94 -1.32 4.46
N VAL A 191 8.59 -1.37 3.32
CA VAL A 191 9.75 -2.27 3.21
C VAL A 191 10.85 -1.82 4.13
N PRO A 192 11.22 -0.51 4.19
CA PRO A 192 12.28 -0.12 5.10
C PRO A 192 12.03 -0.56 6.52
N THR A 193 10.80 -0.34 7.01
CA THR A 193 10.54 -0.61 8.41
C THR A 193 10.26 -2.05 8.73
N ARG A 194 9.42 -2.69 7.93
CA ARG A 194 9.05 -4.07 8.20
C ARG A 194 10.03 -5.05 7.57
N GLY A 195 10.61 -4.71 6.43
CA GLY A 195 11.53 -5.62 5.79
C GLY A 195 12.95 -5.58 6.35
N TYR A 196 13.34 -4.40 6.84
CA TYR A 196 14.69 -4.14 7.28
C TYR A 196 14.78 -3.61 8.72
N GLY A 197 13.64 -3.46 9.37
CA GLY A 197 13.61 -2.94 10.75
C GLY A 197 13.14 -4.02 11.70
N SER A 198 11.85 -4.38 11.58
CA SER A 198 11.30 -5.39 12.44
C SER A 198 11.40 -6.82 11.88
N ALA A 199 11.68 -6.92 10.60
CA ALA A 199 11.80 -8.21 9.91
C ALA A 199 10.47 -8.97 9.93
N LEU A 200 9.36 -8.26 9.96
CA LEU A 200 8.05 -8.86 9.80
C LEU A 200 7.79 -9.19 8.34
N ASP A 201 8.45 -8.47 7.43
CA ASP A 201 8.22 -8.60 6.00
C ASP A 201 9.51 -8.98 5.30
N ALA A 202 9.39 -9.50 4.07
CA ALA A 202 10.54 -9.78 3.24
C ALA A 202 11.36 -8.48 3.09
N PRO A 203 12.68 -8.54 3.02
CA PRO A 203 13.45 -9.77 3.03
C PRO A 203 13.71 -10.38 4.39
N GLY A 204 13.35 -9.68 5.44
CA GLY A 204 13.50 -10.25 6.78
C GLY A 204 14.83 -9.98 7.42
N ARG A 205 15.36 -8.77 7.28
CA ARG A 205 16.62 -8.37 7.89
C ARG A 205 16.32 -7.51 9.12
N CYS A 206 17.21 -7.65 10.13
CA CYS A 206 17.08 -6.85 11.33
C CYS A 206 18.34 -7.02 12.17
N SER A 207 18.39 -6.25 13.27
CA SER A 207 19.50 -6.47 14.20
C SER A 207 19.31 -7.80 14.93
N PRO A 208 20.40 -8.46 15.32
CA PRO A 208 20.32 -9.75 15.95
C PRO A 208 19.44 -9.84 17.17
N THR A 209 19.42 -8.82 18.02
CA THR A 209 18.61 -8.87 19.23
C THR A 209 17.21 -8.41 19.02
N VAL A 210 16.87 -7.87 17.84
CA VAL A 210 15.49 -7.58 17.49
C VAL A 210 14.76 -8.86 17.17
N ASP A 211 15.40 -9.71 16.38
CA ASP A 211 14.84 -11.02 16.07
C ASP A 211 15.97 -11.92 15.68
N PRO A 212 16.34 -12.87 16.52
CA PRO A 212 17.45 -13.74 16.26
C PRO A 212 17.29 -14.57 15.01
N SER A 213 16.10 -14.69 14.44
CA SER A 213 15.94 -15.46 13.20
C SER A 213 16.41 -14.66 11.98
N CYS A 214 16.56 -13.38 12.04
CA CYS A 214 16.98 -12.63 10.84
C CYS A 214 18.35 -13.18 10.38
N TYR A 215 18.54 -13.25 9.07
CA TYR A 215 19.79 -13.76 8.56
C TYR A 215 20.91 -12.74 8.63
N ALA A 216 20.59 -11.48 8.69
CA ALA A 216 21.55 -10.38 8.68
C ALA A 216 20.75 -9.12 8.97
N GLY A 217 21.43 -8.02 9.18
CA GLY A 217 20.80 -6.73 9.22
C GLY A 217 21.19 -5.83 10.34
N ASN A 218 20.57 -4.69 10.36
CA ASN A 218 20.80 -3.63 11.36
C ASN A 218 19.58 -2.74 11.30
N SER A 219 18.70 -2.90 12.30
CA SER A 219 17.43 -2.21 12.30
C SER A 219 17.53 -0.72 12.52
N SER A 220 18.70 -0.27 13.00
CA SER A 220 18.88 1.15 13.25
C SER A 220 19.30 1.93 12.00
N THR A 221 20.02 1.25 11.10
CA THR A 221 20.58 1.90 9.94
C THR A 221 19.91 1.50 8.63
N GLU A 222 19.61 0.22 8.47
CA GLU A 222 19.17 -0.25 7.17
C GLU A 222 17.86 0.34 6.74
N PRO A 223 16.87 0.58 7.58
CA PRO A 223 15.65 1.24 7.10
C PRO A 223 15.92 2.52 6.38
N TYR A 224 16.86 3.33 6.86
CA TYR A 224 17.17 4.59 6.25
C TYR A 224 17.85 4.42 4.91
N ILE A 225 18.76 3.45 4.85
CA ILE A 225 19.45 3.18 3.57
C ILE A 225 18.45 2.76 2.52
N VAL A 226 17.57 1.82 2.90
CA VAL A 226 16.59 1.29 1.97
C VAL A 226 15.60 2.36 1.56
N ALA A 227 15.12 3.17 2.48
CA ALA A 227 14.20 4.23 2.15
C ALA A 227 14.84 5.19 1.15
N HIS A 228 16.11 5.51 1.36
CA HIS A 228 16.84 6.42 0.48
C HIS A 228 16.94 5.84 -0.92
N HIS A 229 17.31 4.56 -1.03
CA HIS A 229 17.37 3.91 -2.32
C HIS A 229 16.05 3.79 -2.98
N GLN A 230 14.96 3.55 -2.19
CA GLN A 230 13.64 3.58 -2.79
C GLN A 230 13.34 4.91 -3.46
N LEU A 231 13.64 6.01 -2.72
CA LEU A 231 13.35 7.33 -3.28
C LEU A 231 14.16 7.55 -4.53
N LEU A 232 15.43 7.19 -4.55
CA LEU A 232 16.25 7.38 -5.73
C LEU A 232 15.79 6.52 -6.88
N ALA A 233 15.43 5.27 -6.63
CA ALA A 233 14.97 4.38 -7.68
C ALA A 233 13.65 4.84 -8.24
N HIS A 234 12.72 5.22 -7.37
CA HIS A 234 11.48 5.84 -7.77
C HIS A 234 11.74 7.03 -8.66
N ALA A 235 12.63 7.93 -8.22
CA ALA A 235 12.81 9.17 -8.93
C ALA A 235 13.47 8.92 -10.28
N LYS A 236 14.38 7.98 -10.37
CA LYS A 236 15.00 7.66 -11.64
C LYS A 236 13.97 7.13 -12.62
N VAL A 237 13.03 6.32 -12.13
CA VAL A 237 11.97 5.80 -12.99
C VAL A 237 11.04 6.90 -13.40
N VAL A 238 10.67 7.84 -12.53
CA VAL A 238 9.80 8.90 -12.93
C VAL A 238 10.49 9.77 -13.98
N ASP A 239 11.80 10.04 -13.83
CA ASP A 239 12.52 10.81 -14.82
C ASP A 239 12.54 10.11 -16.17
N LEU A 240 12.78 8.79 -16.14
CA LEU A 240 12.75 7.99 -17.37
C LEU A 240 11.37 8.10 -18.02
N TYR A 241 10.31 7.97 -17.24
CA TYR A 241 8.98 8.05 -17.79
C TYR A 241 8.70 9.38 -18.45
N ARG A 242 9.01 10.44 -17.73
CA ARG A 242 8.65 11.76 -18.19
C ARG A 242 9.57 12.26 -19.29
N LYS A 243 10.77 11.73 -19.42
CA LYS A 243 11.66 12.12 -20.51
C LYS A 243 11.55 11.25 -21.73
N ASN A 244 11.32 9.96 -21.56
CA ASN A 244 11.32 9.01 -22.66
C ASN A 244 9.96 8.50 -23.02
N TYR A 245 8.94 8.66 -22.23
CA TYR A 245 7.64 8.12 -22.52
C TYR A 245 6.57 9.16 -22.45
N THR A 246 6.93 10.44 -22.63
CA THR A 246 5.92 11.49 -22.61
C THR A 246 4.87 11.36 -23.72
N HIS A 247 5.28 10.73 -24.83
CA HIS A 247 4.34 10.50 -25.93
C HIS A 247 3.16 9.64 -25.51
N GLN A 248 3.28 8.85 -24.45
CA GLN A 248 2.22 7.96 -24.04
C GLN A 248 1.10 8.71 -23.35
N GLY A 249 1.32 9.94 -22.91
CA GLY A 249 0.23 10.70 -22.30
C GLY A 249 -0.28 10.17 -21.01
N GLY A 250 0.58 9.56 -20.21
CA GLY A 250 0.16 9.02 -18.93
C GLY A 250 0.77 9.79 -17.77
N LYS A 251 0.54 9.26 -16.58
CA LYS A 251 0.95 9.86 -15.33
C LYS A 251 1.57 8.80 -14.45
N ILE A 252 2.48 9.22 -13.59
CA ILE A 252 3.17 8.30 -12.70
C ILE A 252 3.31 8.90 -11.35
N GLY A 253 3.31 8.03 -10.32
CA GLY A 253 3.54 8.50 -8.96
C GLY A 253 3.90 7.36 -8.06
N PRO A 254 4.34 7.69 -6.86
CA PRO A 254 4.61 6.71 -5.81
C PRO A 254 3.30 6.35 -5.12
N THR A 255 3.38 5.30 -4.31
CA THR A 255 2.32 4.98 -3.36
C THR A 255 2.85 5.23 -1.96
N MET A 256 2.06 5.99 -1.18
CA MET A 256 2.30 6.15 0.23
C MET A 256 1.29 5.34 1.05
N ILE A 257 1.75 4.74 2.13
CA ILE A 257 0.82 4.37 3.18
C ILE A 257 0.62 5.62 4.02
N THR A 258 -0.62 6.01 4.18
CA THR A 258 -0.94 7.15 5.04
C THR A 258 -1.66 6.63 6.25
N ARG A 259 -1.50 7.35 7.34
CA ARG A 259 -2.26 7.26 8.56
C ARG A 259 -2.47 8.71 8.99
N TRP A 260 -3.53 8.93 9.78
CA TRP A 260 -3.55 10.15 10.56
C TRP A 260 -2.98 9.83 11.94
N PHE A 261 -2.64 10.91 12.65
CA PHE A 261 -2.16 10.81 14.02
C PHE A 261 -2.84 11.86 14.84
N LEU A 262 -3.28 11.46 16.02
CA LEU A 262 -3.93 12.36 16.98
C LEU A 262 -3.16 12.23 18.29
N PRO A 263 -3.19 13.26 19.13
CA PRO A 263 -2.51 13.14 20.40
C PRO A 263 -3.25 12.16 21.31
N TYR A 264 -2.47 11.27 21.94
CA TYR A 264 -2.97 10.43 23.01
C TYR A 264 -3.59 11.24 24.12
N ASN A 265 -3.03 12.42 24.37
CA ASN A 265 -3.58 13.37 25.32
C ASN A 265 -3.51 14.75 24.69
N ASP A 266 -4.69 15.25 24.28
CA ASP A 266 -4.73 16.47 23.46
C ASP A 266 -4.56 17.73 24.25
N THR A 267 -4.30 17.65 25.55
CA THR A 267 -3.91 18.83 26.31
C THR A 267 -2.51 18.68 26.85
N ASP A 268 -1.78 17.67 26.43
CA ASP A 268 -0.43 17.42 26.91
C ASP A 268 0.54 17.79 25.83
N ARG A 269 1.37 18.80 26.03
CA ARG A 269 2.30 19.24 24.98
C ARG A 269 3.21 18.13 24.53
N HIS A 270 3.57 17.19 25.41
CA HIS A 270 4.49 16.14 24.98
C HIS A 270 3.81 15.18 24.01
N SER A 271 2.54 14.87 24.26
CA SER A 271 1.80 14.03 23.31
C SER A 271 1.53 14.78 22.02
N ILE A 272 1.22 16.06 22.09
CA ILE A 272 1.05 16.85 20.88
C ILE A 272 2.34 16.85 20.05
N ALA A 273 3.49 17.01 20.72
CA ALA A 273 4.77 17.00 20.00
C ALA A 273 5.01 15.65 19.38
N ALA A 274 4.72 14.56 20.08
CA ALA A 274 4.92 13.23 19.52
C ALA A 274 4.07 13.03 18.29
N THR A 275 2.85 13.58 18.30
CA THR A 275 1.91 13.47 17.18
C THR A 275 2.48 14.16 15.96
N GLU A 276 3.05 15.36 16.15
CA GLU A 276 3.64 16.06 15.02
C GLU A 276 4.91 15.37 14.57
N ARG A 277 5.71 14.80 15.48
CA ARG A 277 6.88 14.04 15.04
C ARG A 277 6.41 12.86 14.20
N MET A 278 5.34 12.18 14.60
CA MET A 278 4.89 11.06 13.81
C MET A 278 4.52 11.48 12.38
N LYS A 279 3.88 12.62 12.21
CA LYS A 279 3.58 13.04 10.85
C LYS A 279 4.87 13.17 10.06
N GLU A 280 5.88 13.77 10.62
CA GLU A 280 7.14 13.93 9.93
C GLU A 280 7.84 12.63 9.65
N PHE A 281 7.92 11.74 10.65
CA PHE A 281 8.65 10.49 10.50
C PHE A 281 7.92 9.46 9.67
N PHE A 282 6.59 9.52 9.63
CA PHE A 282 5.81 8.54 8.90
C PHE A 282 5.52 9.00 7.50
N LEU A 283 5.01 10.24 7.36
CA LEU A 283 4.69 10.80 6.07
C LEU A 283 5.86 11.61 5.48
N GLY A 284 6.45 12.48 6.31
CA GLY A 284 7.47 13.37 5.81
C GLY A 284 8.75 12.68 5.38
N TRP A 285 9.06 11.52 5.96
CA TRP A 285 10.24 10.76 5.54
C TRP A 285 10.32 10.67 4.04
N PHE A 286 9.16 10.47 3.41
CA PHE A 286 9.07 10.39 1.95
C PHE A 286 8.55 11.64 1.28
N MET A 287 7.57 12.28 1.92
CA MET A 287 6.97 13.47 1.27
C MET A 287 7.89 14.68 1.33
N GLY A 288 8.76 14.77 2.33
CA GLY A 288 9.77 15.84 2.31
C GLY A 288 10.63 15.73 1.09
N PRO A 289 11.22 14.56 0.86
CA PRO A 289 12.04 14.41 -0.36
C PRO A 289 11.25 14.64 -1.62
N LEU A 290 10.01 14.08 -1.68
CA LEU A 290 9.22 14.20 -2.89
C LEU A 290 8.78 15.61 -3.18
N THR A 291 8.65 16.47 -2.16
CA THR A 291 8.19 17.84 -2.40
C THR A 291 9.29 18.85 -2.30
N ASN A 292 10.41 18.50 -1.64
CA ASN A 292 11.44 19.49 -1.39
C ASN A 292 12.83 19.01 -1.62
N GLY A 293 13.04 17.72 -1.85
CA GLY A 293 14.36 17.20 -2.07
C GLY A 293 15.17 17.00 -0.81
N THR A 294 14.55 17.08 0.37
CA THR A 294 15.25 16.94 1.63
C THR A 294 14.39 16.16 2.61
N TYR A 295 15.03 15.52 3.56
CA TYR A 295 14.27 14.91 4.64
C TYR A 295 13.82 15.99 5.63
N PRO A 296 12.78 15.72 6.40
CA PRO A 296 12.32 16.68 7.44
C PRO A 296 13.45 17.02 8.38
N GLN A 297 13.44 18.27 8.86
CA GLN A 297 14.47 18.69 9.79
C GLN A 297 14.46 17.83 11.06
N ILE A 298 13.31 17.41 11.58
CA ILE A 298 13.34 16.63 12.79
C ILE A 298 14.04 15.32 12.54
N MET A 299 13.90 14.75 11.37
CA MET A 299 14.63 13.52 11.04
C MET A 299 16.11 13.79 10.90
N ILE A 300 16.47 14.88 10.23
CA ILE A 300 17.90 15.23 10.11
C ILE A 300 18.50 15.30 11.49
N ASP A 301 17.83 16.00 12.40
CA ASP A 301 18.34 16.22 13.73
C ASP A 301 18.43 14.97 14.57
N THR A 302 17.37 14.14 14.52
CA THR A 302 17.32 12.99 15.37
C THR A 302 18.21 11.86 14.83
N VAL A 303 18.09 11.57 13.57
CA VAL A 303 18.71 10.42 12.95
C VAL A 303 20.19 10.68 12.68
N GLY A 304 20.55 11.93 12.51
CA GLY A 304 21.98 12.28 12.47
C GLY A 304 22.70 11.52 11.37
N GLU A 305 23.84 10.92 11.74
CA GLU A 305 24.69 10.27 10.73
C GLU A 305 24.06 9.05 10.14
N ARG A 306 22.99 8.53 10.73
CA ARG A 306 22.31 7.38 10.14
C ARG A 306 21.40 7.82 8.99
N LEU A 307 21.20 9.09 8.76
CA LEU A 307 20.31 9.51 7.69
C LEU A 307 21.12 9.87 6.47
N PRO A 308 20.96 9.21 5.33
CA PRO A 308 21.75 9.56 4.17
C PRO A 308 21.43 10.96 3.67
N SER A 309 22.40 11.55 2.97
CA SER A 309 22.24 12.82 2.30
C SER A 309 21.92 12.63 0.83
N PHE A 310 21.17 13.53 0.22
CA PHE A 310 21.01 13.59 -1.21
C PHE A 310 22.10 14.57 -1.73
N SER A 311 22.70 14.23 -2.83
CA SER A 311 23.58 15.19 -3.50
C SER A 311 22.65 16.21 -4.13
N PRO A 312 23.20 17.32 -4.63
CA PRO A 312 22.34 18.30 -5.30
C PRO A 312 21.64 17.68 -6.51
N GLU A 313 22.28 16.83 -7.28
CA GLU A 313 21.68 16.18 -8.42
C GLU A 313 20.56 15.24 -7.98
N GLU A 314 20.81 14.49 -6.93
CA GLU A 314 19.77 13.57 -6.42
C GLU A 314 18.57 14.34 -5.89
N SER A 315 18.81 15.41 -5.16
CA SER A 315 17.75 16.22 -4.60
C SER A 315 16.85 16.71 -5.73
N ASN A 316 17.48 17.22 -6.78
CA ASN A 316 16.72 17.72 -7.90
C ASN A 316 15.93 16.58 -8.58
N LEU A 317 16.52 15.38 -8.66
CA LEU A 317 15.82 14.27 -9.28
C LEU A 317 14.58 13.87 -8.46
N VAL A 318 14.71 13.83 -7.15
CA VAL A 318 13.63 13.37 -6.30
C VAL A 318 12.56 14.42 -6.11
N LYS A 319 12.95 15.67 -5.95
CA LYS A 319 11.96 16.72 -5.73
C LYS A 319 11.05 16.84 -6.92
N GLY A 320 9.75 16.78 -6.65
CA GLY A 320 8.76 16.89 -7.70
C GLY A 320 8.60 15.66 -8.55
N SER A 321 9.09 14.50 -8.11
CA SER A 321 9.09 13.29 -8.92
C SER A 321 7.76 12.55 -8.84
N TYR A 322 6.69 13.24 -9.20
CA TYR A 322 5.37 12.61 -9.24
C TYR A 322 4.46 13.50 -10.05
N ASP A 323 3.54 12.87 -10.75
CA ASP A 323 2.41 13.56 -11.36
C ASP A 323 1.19 13.52 -10.47
N PHE A 324 1.13 12.47 -9.62
CA PHE A 324 0.04 12.29 -8.67
C PHE A 324 0.61 11.45 -7.57
N LEU A 325 -0.16 11.32 -6.48
CA LEU A 325 0.18 10.46 -5.38
C LEU A 325 -0.89 9.39 -5.26
N GLY A 326 -0.45 8.13 -5.13
CA GLY A 326 -1.37 7.07 -4.74
C GLY A 326 -1.31 7.00 -3.23
N LEU A 327 -2.43 7.32 -2.60
CA LEU A 327 -2.46 7.29 -1.13
C LEU A 327 -3.32 6.11 -0.69
N ASN A 328 -2.65 5.22 0.05
CA ASN A 328 -3.33 4.14 0.72
C ASN A 328 -3.75 4.63 2.10
N TYR A 329 -4.92 4.28 2.60
CA TYR A 329 -5.31 4.70 3.94
C TYR A 329 -6.15 3.60 4.55
N TYR A 330 -5.77 3.23 5.78
CA TYR A 330 -6.51 2.23 6.52
C TYR A 330 -6.94 2.77 7.89
N PHE A 331 -6.07 3.41 8.65
CA PHE A 331 -6.38 3.76 10.02
C PHE A 331 -5.51 4.87 10.52
N THR A 332 -5.86 5.31 11.75
CA THR A 332 -5.24 6.41 12.48
C THR A 332 -4.81 5.95 13.87
N GLN A 333 -3.75 6.56 14.39
CA GLN A 333 -3.24 6.21 15.69
C GLN A 333 -3.15 7.42 16.61
N TYR A 334 -3.27 7.17 17.91
CA TYR A 334 -2.91 8.14 18.92
C TYR A 334 -1.41 8.03 19.18
N ALA A 335 -0.77 9.16 19.42
CA ALA A 335 0.64 9.20 19.68
C ALA A 335 0.94 9.82 21.03
N GLN A 336 1.88 9.19 21.75
CA GLN A 336 2.37 9.68 23.02
C GLN A 336 3.89 9.57 22.98
N PRO A 337 4.59 10.30 23.88
CA PRO A 337 6.04 10.22 23.82
C PRO A 337 6.56 8.85 24.20
N SER A 338 7.72 8.53 23.66
CA SER A 338 8.43 7.31 24.01
C SER A 338 9.92 7.60 23.89
N PRO A 339 10.74 6.95 24.68
CA PRO A 339 12.17 7.13 24.60
C PRO A 339 12.76 6.62 23.29
N ASN A 340 13.91 7.17 22.90
CA ASN A 340 14.62 6.69 21.73
C ASN A 340 16.01 6.20 22.15
N PRO A 341 16.16 4.93 22.48
CA PRO A 341 17.43 4.41 23.00
C PRO A 341 18.39 4.04 21.89
N VAL A 342 19.04 5.04 21.28
CA VAL A 342 19.88 4.81 20.10
C VAL A 342 21.07 3.90 20.36
N ASN A 343 21.56 3.83 21.59
CA ASN A 343 22.66 2.93 21.92
C ASN A 343 22.22 1.51 22.23
N SER A 344 20.95 1.21 22.39
CA SER A 344 20.50 -0.13 22.70
C SER A 344 20.78 -1.03 21.49
N THR A 345 21.15 -2.29 21.75
CA THR A 345 21.41 -3.21 20.63
C THR A 345 20.09 -3.49 19.91
N ASN A 346 18.94 -3.31 20.56
CA ASN A 346 17.67 -3.56 19.89
C ASN A 346 17.06 -2.28 19.33
N HIS A 347 17.86 -1.23 19.19
CA HIS A 347 17.31 -0.01 18.62
C HIS A 347 16.80 -0.24 17.19
N THR A 348 15.69 0.34 16.86
CA THR A 348 15.17 0.32 15.52
C THR A 348 14.93 1.73 15.03
N ALA A 349 14.94 1.90 13.71
CA ALA A 349 14.64 3.17 13.10
C ALA A 349 13.30 3.72 13.54
N MET A 350 12.35 2.81 13.78
CA MET A 350 11.00 3.21 14.16
C MET A 350 11.00 3.90 15.51
N MET A 351 11.98 3.65 16.35
CA MET A 351 12.07 4.33 17.64
C MET A 351 12.49 5.79 17.51
N ASP A 352 13.09 6.17 16.38
CA ASP A 352 13.59 7.53 16.25
C ASP A 352 12.50 8.56 16.31
N ALA A 353 11.27 8.26 15.98
CA ALA A 353 10.18 9.23 16.07
C ALA A 353 9.88 9.59 17.51
N GLY A 354 10.31 8.79 18.49
CA GLY A 354 10.06 9.14 19.86
C GLY A 354 8.60 9.10 20.21
N ALA A 355 7.87 8.13 19.66
CA ALA A 355 6.44 8.03 19.89
C ALA A 355 6.00 6.59 20.04
N LYS A 356 5.02 6.41 20.90
CA LYS A 356 4.30 5.15 21.11
C LYS A 356 2.87 5.36 20.54
N LEU A 357 2.42 4.37 19.80
CA LEU A 357 1.18 4.48 19.06
C LEU A 357 0.13 3.55 19.63
N THR A 358 -1.07 4.05 19.80
CA THR A 358 -2.19 3.28 20.37
C THR A 358 -3.46 3.62 19.61
N TYR A 359 -4.51 2.86 19.96
CA TYR A 359 -5.83 3.08 19.41
C TYR A 359 -6.79 3.58 20.48
N ILE A 360 -6.29 3.73 21.69
CA ILE A 360 -7.02 4.19 22.85
C ILE A 360 -6.29 5.42 23.39
N ASN A 361 -7.04 6.46 23.75
CA ASN A 361 -6.39 7.68 24.23
C ASN A 361 -6.28 7.66 25.74
N ALA A 362 -5.77 8.74 26.32
CA ALA A 362 -5.43 8.75 27.72
C ALA A 362 -6.65 8.65 28.60
N SER A 363 -7.80 9.06 28.13
CA SER A 363 -9.04 8.98 28.92
C SER A 363 -9.79 7.72 28.62
N GLY A 364 -9.21 6.79 27.86
CA GLY A 364 -9.80 5.50 27.63
C GLY A 364 -10.67 5.40 26.42
N HIS A 365 -10.69 6.41 25.56
CA HIS A 365 -11.53 6.40 24.38
C HIS A 365 -10.88 5.60 23.28
N TYR A 366 -11.58 4.59 22.76
CA TYR A 366 -11.11 3.87 21.55
C TYR A 366 -11.51 4.74 20.37
N ILE A 367 -10.55 4.84 19.42
CA ILE A 367 -10.70 5.81 18.33
C ILE A 367 -11.87 5.59 17.42
N GLY A 368 -12.33 4.32 17.29
CA GLY A 368 -13.44 4.04 16.39
C GLY A 368 -13.72 2.54 16.46
N PRO A 369 -14.48 2.06 15.48
CA PRO A 369 -14.86 0.64 15.46
C PRO A 369 -13.68 -0.25 15.25
N LEU A 370 -13.91 -1.54 15.58
CA LEU A 370 -12.86 -2.54 15.38
C LEU A 370 -12.45 -2.67 13.93
N PHE A 371 -11.15 -2.67 13.71
CA PHE A 371 -10.53 -2.88 12.41
C PHE A 371 -9.95 -4.26 12.26
N GLU A 372 -9.21 -4.72 13.27
CA GLU A 372 -8.56 -6.04 13.18
C GLU A 372 -8.44 -6.54 14.61
N LYS A 373 -9.01 -7.70 14.84
CA LYS A 373 -8.85 -8.34 16.13
C LYS A 373 -7.54 -9.09 16.17
N ASP A 374 -6.81 -9.01 17.27
CA ASP A 374 -5.59 -9.75 17.51
C ASP A 374 -5.89 -10.80 18.58
N LYS A 375 -6.12 -12.06 18.19
CA LYS A 375 -6.46 -13.06 19.19
C LYS A 375 -5.38 -13.43 20.18
N ALA A 376 -4.10 -13.25 19.91
CA ALA A 376 -3.08 -13.58 20.90
C ALA A 376 -3.03 -12.50 21.99
N ASP A 377 -3.21 -11.25 21.59
CA ASP A 377 -3.26 -10.14 22.54
C ASP A 377 -4.30 -9.09 22.14
N SER A 378 -5.46 -9.12 22.78
CA SER A 378 -6.58 -8.21 22.49
C SER A 378 -6.29 -6.77 22.80
N THR A 379 -5.30 -6.51 23.66
CA THR A 379 -4.95 -5.09 23.88
C THR A 379 -4.26 -4.54 22.63
N ASP A 380 -3.89 -5.36 21.64
CA ASP A 380 -3.24 -5.00 20.41
C ASP A 380 -4.23 -4.94 19.23
N ASN A 381 -5.50 -5.08 19.48
CA ASN A 381 -6.50 -4.90 18.43
C ASN A 381 -6.34 -3.54 17.76
N ILE A 382 -6.61 -3.47 16.48
CA ILE A 382 -6.59 -2.24 15.72
C ILE A 382 -8.02 -1.75 15.56
N TYR A 383 -8.24 -0.44 15.64
CA TYR A 383 -9.53 0.20 15.47
C TYR A 383 -9.39 1.26 14.36
N TYR A 384 -10.47 1.54 13.65
CA TYR A 384 -10.42 2.48 12.54
C TYR A 384 -11.07 3.78 12.93
N TYR A 385 -10.99 4.74 11.98
CA TYR A 385 -11.31 6.13 12.28
C TYR A 385 -11.69 6.78 10.94
N PRO A 386 -12.95 6.76 10.55
CA PRO A 386 -13.29 7.26 9.22
C PRO A 386 -12.87 8.67 8.93
N LYS A 387 -12.92 9.56 9.92
CA LYS A 387 -12.49 10.92 9.73
C LYS A 387 -11.04 11.02 9.36
N GLY A 388 -10.24 10.00 9.62
CA GLY A 388 -8.86 10.07 9.29
C GLY A 388 -8.62 10.27 7.81
N ILE A 389 -9.49 9.74 6.93
CA ILE A 389 -9.24 9.96 5.50
C ILE A 389 -9.43 11.42 5.16
N TYR A 390 -10.39 12.11 5.81
CA TYR A 390 -10.56 13.54 5.64
C TYR A 390 -9.31 14.27 6.10
N SER A 391 -8.83 13.93 7.32
CA SER A 391 -7.68 14.62 7.85
C SER A 391 -6.45 14.43 7.02
N VAL A 392 -6.22 13.21 6.53
CA VAL A 392 -5.06 12.94 5.69
C VAL A 392 -5.14 13.77 4.41
N MET A 393 -6.28 13.70 3.72
CA MET A 393 -6.36 14.40 2.43
C MET A 393 -6.16 15.90 2.62
N ASP A 394 -6.79 16.45 3.63
CA ASP A 394 -6.64 17.89 3.93
C ASP A 394 -5.18 18.21 4.19
N TYR A 395 -4.49 17.37 4.98
CA TYR A 395 -3.11 17.59 5.28
C TYR A 395 -2.25 17.54 4.03
N PHE A 396 -2.47 16.57 3.14
CA PHE A 396 -1.69 16.50 1.93
C PHE A 396 -1.91 17.76 1.08
N LYS A 397 -3.15 18.22 0.96
CA LYS A 397 -3.38 19.42 0.20
C LYS A 397 -2.62 20.60 0.77
N ASN A 398 -2.71 20.79 2.09
CA ASN A 398 -2.14 21.94 2.76
C ASN A 398 -0.64 21.92 2.92
N LYS A 399 -0.12 20.75 3.24
CA LYS A 399 1.31 20.62 3.54
C LYS A 399 2.11 20.32 2.31
N TYR A 400 1.51 19.60 1.35
CA TYR A 400 2.28 19.02 0.25
C TYR A 400 1.82 19.53 -1.09
N TYR A 401 1.47 20.81 -1.14
CA TYR A 401 1.37 21.52 -2.42
C TYR A 401 0.25 21.03 -3.30
N ASN A 402 -0.91 20.75 -2.71
CA ASN A 402 -2.13 20.51 -3.48
C ASN A 402 -1.92 19.47 -4.58
N PRO A 403 -1.58 18.24 -4.23
CA PRO A 403 -1.31 17.23 -5.22
C PRO A 403 -2.57 16.65 -5.79
N LEU A 404 -2.46 16.08 -6.97
CA LEU A 404 -3.45 15.15 -7.51
C LEU A 404 -3.29 13.85 -6.77
N ILE A 405 -4.41 13.33 -6.30
CA ILE A 405 -4.43 12.11 -5.47
C ILE A 405 -5.43 11.11 -6.04
N TYR A 406 -5.01 9.85 -5.99
CA TYR A 406 -5.91 8.71 -6.12
C TYR A 406 -5.76 7.90 -4.86
N VAL A 407 -6.91 7.53 -4.28
CA VAL A 407 -6.86 6.61 -3.12
C VAL A 407 -6.69 5.21 -3.70
N THR A 408 -5.50 4.65 -3.48
CA THR A 408 -5.10 3.43 -4.14
C THR A 408 -5.31 2.17 -3.31
N GLU A 409 -5.71 2.30 -2.05
CA GLU A 409 -6.15 1.20 -1.22
C GLU A 409 -6.91 1.76 -0.07
N ASN A 410 -7.96 1.04 0.32
CA ASN A 410 -8.76 1.34 1.51
C ASN A 410 -9.62 0.07 1.69
N GLY A 411 -9.57 -0.55 2.86
CA GLY A 411 -10.39 -1.78 3.03
C GLY A 411 -10.18 -2.34 4.42
N ILE A 412 -10.84 -3.44 4.68
CA ILE A 412 -10.84 -4.04 6.02
C ILE A 412 -10.95 -5.54 5.88
N SER A 413 -10.36 -6.26 6.84
CA SER A 413 -10.41 -7.71 6.82
C SER A 413 -11.58 -8.24 7.65
N THR A 414 -11.91 -9.48 7.38
CA THR A 414 -12.82 -10.28 8.21
C THR A 414 -12.05 -11.56 8.48
N PRO A 415 -12.38 -12.29 9.55
CA PRO A 415 -11.60 -13.45 9.91
C PRO A 415 -11.72 -14.62 8.96
N GLY A 416 -10.65 -15.32 8.68
CA GLY A 416 -10.66 -16.53 7.90
C GLY A 416 -11.37 -17.64 8.73
N ASP A 417 -11.58 -17.57 10.04
CA ASP A 417 -12.30 -18.59 10.80
C ASP A 417 -13.79 -18.57 10.46
N GLU A 418 -14.31 -17.47 9.87
CA GLU A 418 -15.76 -17.42 9.54
C GLU A 418 -16.06 -18.46 8.45
N ASN A 419 -17.27 -18.99 8.45
CA ASN A 419 -17.66 -19.95 7.39
C ASN A 419 -18.08 -19.10 6.19
N ARG A 420 -18.39 -19.74 5.07
CA ARG A 420 -18.69 -19.01 3.86
C ARG A 420 -19.89 -18.09 3.97
N ASN A 421 -20.97 -18.54 4.62
CA ASN A 421 -22.10 -17.68 4.77
C ASN A 421 -21.76 -16.46 5.60
N GLN A 422 -21.02 -16.63 6.69
CA GLN A 422 -20.63 -15.48 7.50
C GLN A 422 -19.72 -14.58 6.68
N SER A 423 -18.77 -15.16 5.94
CA SER A 423 -17.84 -14.42 5.14
C SER A 423 -18.53 -13.59 4.07
N MET A 424 -19.62 -14.11 3.48
CA MET A 424 -20.34 -13.36 2.44
C MET A 424 -21.19 -12.27 3.06
N LEU A 425 -21.58 -12.42 4.32
CA LEU A 425 -22.40 -11.43 5.01
C LEU A 425 -21.52 -10.42 5.70
N ASP A 426 -20.73 -9.71 4.86
CA ASP A 426 -19.67 -8.86 5.36
C ASP A 426 -20.11 -7.42 5.59
N TYR A 427 -21.15 -7.25 6.41
CA TYR A 427 -21.67 -5.92 6.69
C TYR A 427 -20.63 -5.01 7.35
N THR A 428 -19.66 -5.58 8.08
CA THR A 428 -18.62 -4.75 8.67
C THR A 428 -17.78 -4.08 7.58
N ARG A 429 -17.64 -4.74 6.42
CA ARG A 429 -16.89 -4.17 5.31
C ARG A 429 -17.69 -3.07 4.64
N ILE A 430 -19.01 -3.25 4.45
CA ILE A 430 -19.81 -2.15 3.93
C ILE A 430 -19.64 -0.92 4.82
N ASP A 431 -19.76 -1.13 6.14
CA ASP A 431 -19.67 0.00 7.06
C ASP A 431 -18.33 0.70 6.94
N TYR A 432 -17.24 -0.07 6.88
CA TYR A 432 -15.93 0.55 6.75
C TYR A 432 -15.84 1.32 5.46
N LEU A 433 -16.19 0.69 4.34
CA LEU A 433 -16.00 1.36 3.06
C LEU A 433 -16.89 2.59 2.96
N CYS A 434 -18.16 2.47 3.32
CA CYS A 434 -19.04 3.62 3.14
C CYS A 434 -18.67 4.78 4.04
N SER A 435 -18.24 4.46 5.26
CA SER A 435 -17.95 5.55 6.18
C SER A 435 -16.74 6.35 5.70
N HIS A 436 -15.77 5.65 5.11
CA HIS A 436 -14.62 6.35 4.53
C HIS A 436 -14.99 7.11 3.28
N LEU A 437 -15.85 6.50 2.42
CA LEU A 437 -16.29 7.22 1.22
C LEU A 437 -17.07 8.45 1.61
N CYS A 438 -17.85 8.43 2.66
CA CYS A 438 -18.56 9.62 3.07
C CYS A 438 -17.59 10.73 3.40
N PHE A 439 -16.57 10.42 4.20
CA PHE A 439 -15.60 11.43 4.56
C PHE A 439 -14.77 11.86 3.37
N LEU A 440 -14.51 10.98 2.42
CA LEU A 440 -13.75 11.38 1.23
C LEU A 440 -14.55 12.38 0.41
N ASN A 441 -15.84 12.12 0.22
CA ASN A 441 -16.67 13.11 -0.48
C ASN A 441 -16.66 14.42 0.27
N LYS A 442 -16.78 14.35 1.59
CA LYS A 442 -16.81 15.55 2.44
C LYS A 442 -15.55 16.35 2.27
N VAL A 443 -14.37 15.70 2.28
CA VAL A 443 -13.15 16.49 2.19
C VAL A 443 -12.97 17.08 0.79
N ILE A 444 -13.39 16.37 -0.25
CA ILE A 444 -13.30 16.92 -1.59
C ILE A 444 -14.16 18.20 -1.66
N LYS A 445 -15.39 18.12 -1.15
CA LYS A 445 -16.28 19.26 -1.23
C LYS A 445 -15.86 20.39 -0.33
N GLU A 446 -15.42 20.11 0.89
CA GLU A 446 -15.14 21.16 1.85
C GLU A 446 -13.78 21.77 1.73
N LYS A 447 -12.82 20.95 1.38
CA LYS A 447 -11.42 21.39 1.35
C LYS A 447 -10.88 21.47 -0.06
N ASP A 448 -11.60 21.02 -1.06
CA ASP A 448 -11.19 21.07 -2.44
C ASP A 448 -9.93 20.28 -2.71
N VAL A 449 -9.76 19.16 -2.01
CA VAL A 449 -8.63 18.28 -2.29
C VAL A 449 -8.85 17.65 -3.65
N ASN A 450 -7.74 17.58 -4.43
CA ASN A 450 -7.81 17.08 -5.79
C ASN A 450 -7.70 15.56 -5.83
N VAL A 451 -8.72 14.91 -5.31
CA VAL A 451 -8.84 13.45 -5.36
C VAL A 451 -9.68 13.05 -6.55
N LYS A 452 -9.19 12.13 -7.40
CA LYS A 452 -9.88 11.78 -8.62
C LYS A 452 -10.21 10.33 -8.68
N GLY A 453 -9.98 9.53 -7.73
CA GLY A 453 -10.43 8.18 -7.77
C GLY A 453 -10.20 7.45 -6.46
N TYR A 454 -10.83 6.29 -6.35
CA TYR A 454 -10.83 5.47 -5.16
C TYR A 454 -10.87 4.01 -5.57
N LEU A 455 -9.90 3.28 -5.04
CA LEU A 455 -9.75 1.84 -5.30
C LEU A 455 -9.76 1.11 -3.98
N ALA A 456 -10.80 0.33 -3.73
CA ALA A 456 -10.90 -0.39 -2.50
C ALA A 456 -9.96 -1.62 -2.53
N TRP A 457 -9.40 -1.93 -1.38
CA TRP A 457 -8.67 -3.17 -1.18
C TRP A 457 -9.68 -4.18 -0.65
N ALA A 458 -9.84 -5.35 -1.20
CA ALA A 458 -9.27 -5.91 -2.38
C ALA A 458 -10.33 -6.43 -3.32
N LEU A 459 -9.99 -6.64 -4.58
CA LEU A 459 -10.95 -7.23 -5.51
C LEU A 459 -11.54 -8.51 -4.92
N GLY A 460 -10.65 -9.37 -4.47
CA GLY A 460 -11.09 -10.67 -3.96
C GLY A 460 -10.17 -11.11 -2.86
N ASP A 461 -10.59 -12.16 -2.17
CA ASP A 461 -9.79 -12.75 -1.12
C ASP A 461 -8.47 -13.18 -1.73
N ASN A 462 -7.42 -13.10 -0.96
CA ASN A 462 -6.07 -13.33 -1.50
C ASN A 462 -5.14 -13.73 -0.37
N TYR A 463 -3.88 -13.93 -0.69
CA TYR A 463 -2.87 -14.12 0.38
C TYR A 463 -2.62 -12.74 0.97
N GLU A 464 -2.77 -12.61 2.26
CA GLU A 464 -2.49 -11.35 2.95
C GLU A 464 -1.09 -11.43 3.54
N PHE A 465 -0.25 -10.44 3.18
CA PHE A 465 1.09 -10.41 3.73
C PHE A 465 0.98 -10.58 5.22
N ASN A 466 1.84 -11.44 5.76
CA ASN A 466 1.96 -11.70 7.18
C ASN A 466 0.82 -12.53 7.78
N LYS A 467 -0.29 -12.69 7.11
CA LYS A 467 -1.45 -13.34 7.69
C LYS A 467 -1.89 -14.56 6.93
N GLY A 468 -1.24 -14.92 5.85
CA GLY A 468 -1.68 -16.10 5.09
C GLY A 468 -3.09 -15.95 4.61
N PHE A 469 -3.91 -16.94 4.82
CA PHE A 469 -5.30 -16.97 4.46
C PHE A 469 -6.17 -16.91 5.68
N THR A 470 -5.61 -16.40 6.80
CA THR A 470 -6.33 -16.33 8.07
C THR A 470 -7.22 -15.12 8.15
N VAL A 471 -7.14 -14.20 7.20
CA VAL A 471 -8.06 -13.06 7.11
C VAL A 471 -8.45 -12.96 5.61
N ARG A 472 -9.58 -12.33 5.39
CA ARG A 472 -10.08 -12.07 4.06
C ARG A 472 -10.28 -10.57 3.89
N PHE A 473 -9.85 -9.98 2.79
CA PHE A 473 -10.05 -8.60 2.47
C PHE A 473 -10.95 -8.37 1.26
N GLY A 474 -11.36 -9.43 0.58
CA GLY A 474 -12.01 -9.22 -0.69
C GLY A 474 -13.40 -8.65 -0.61
N LEU A 475 -13.79 -7.94 -1.67
CA LEU A 475 -15.20 -7.61 -1.90
C LEU A 475 -15.87 -8.79 -2.60
N SER A 476 -15.10 -9.73 -3.11
CA SER A 476 -15.58 -11.00 -3.63
C SER A 476 -14.83 -12.10 -2.89
N TYR A 477 -15.61 -13.21 -2.70
CA TYR A 477 -15.20 -14.37 -1.94
C TYR A 477 -14.60 -15.42 -2.81
N ILE A 478 -13.51 -16.03 -2.34
CA ILE A 478 -12.83 -17.14 -2.99
C ILE A 478 -12.78 -18.31 -2.05
N ASP A 479 -13.20 -19.48 -2.52
CA ASP A 479 -13.12 -20.73 -1.82
C ASP A 479 -11.74 -21.30 -1.99
N TRP A 480 -10.98 -21.47 -0.92
CA TRP A 480 -9.62 -21.96 -1.04
C TRP A 480 -9.56 -23.40 -1.47
N ASN A 481 -10.66 -24.13 -1.42
CA ASN A 481 -10.69 -25.50 -1.90
C ASN A 481 -10.94 -25.54 -3.39
N ASN A 482 -11.37 -24.44 -3.98
CA ASN A 482 -11.65 -24.38 -5.40
C ASN A 482 -11.70 -22.92 -5.83
N VAL A 483 -10.55 -22.40 -6.19
CA VAL A 483 -10.37 -20.97 -6.34
C VAL A 483 -10.93 -20.35 -7.58
N THR A 484 -11.55 -21.06 -8.47
CA THR A 484 -11.97 -20.49 -9.75
C THR A 484 -12.89 -19.29 -9.59
N ASP A 485 -14.00 -19.45 -8.89
CA ASP A 485 -14.94 -18.37 -8.78
C ASP A 485 -14.53 -17.28 -7.82
N ARG A 486 -14.99 -16.08 -8.15
CA ARG A 486 -14.93 -14.91 -7.27
C ARG A 486 -16.37 -14.42 -7.13
N ASP A 487 -16.97 -14.65 -5.97
CA ASP A 487 -18.38 -14.34 -5.82
C ASP A 487 -18.58 -13.07 -5.03
N LEU A 488 -19.31 -12.09 -5.57
CA LEU A 488 -19.45 -10.84 -4.83
C LEU A 488 -20.09 -11.10 -3.49
N LYS A 489 -19.49 -10.55 -2.44
CA LYS A 489 -20.02 -10.58 -1.09
C LYS A 489 -21.12 -9.53 -0.96
N LYS A 490 -21.71 -9.41 0.22
CA LYS A 490 -22.63 -8.27 0.44
C LYS A 490 -21.90 -6.96 0.15
N SER A 491 -20.65 -6.83 0.53
CA SER A 491 -19.93 -5.58 0.23
C SER A 491 -19.79 -5.35 -1.26
N GLY A 492 -19.42 -6.40 -2.01
CA GLY A 492 -19.35 -6.20 -3.45
C GLY A 492 -20.66 -5.82 -4.08
N GLN A 493 -21.77 -6.42 -3.57
CA GLN A 493 -23.09 -6.10 -4.05
C GLN A 493 -23.43 -4.69 -3.68
N TRP A 494 -23.13 -4.21 -2.50
CA TRP A 494 -23.33 -2.84 -2.11
C TRP A 494 -22.53 -1.92 -3.01
N TYR A 495 -21.27 -2.24 -3.25
CA TYR A 495 -20.38 -1.37 -4.03
C TYR A 495 -20.90 -1.28 -5.45
N GLN A 496 -21.42 -2.37 -5.99
CA GLN A 496 -22.07 -2.35 -7.31
C GLN A 496 -23.19 -1.33 -7.32
N SER A 497 -24.02 -1.31 -6.30
CA SER A 497 -25.11 -0.35 -6.24
C SER A 497 -24.64 1.06 -6.01
N PHE A 498 -23.62 1.22 -5.17
CA PHE A 498 -23.00 2.55 -4.98
C PHE A 498 -22.50 3.10 -6.31
N ILE A 499 -21.83 2.25 -7.08
CA ILE A 499 -21.28 2.70 -8.36
C ILE A 499 -22.38 3.03 -9.36
N SER A 500 -23.43 2.21 -9.41
CA SER A 500 -24.51 2.41 -10.40
C SER A 500 -25.86 2.34 -9.66
N PRO A 501 -26.13 3.54 -9.03
CA PRO A 501 -27.29 3.59 -8.11
C PRO A 501 -28.69 3.57 -8.72
C1 NAG B . 24.19 -0.51 13.40
C2 NAG B . 24.90 -1.33 14.48
C3 NAG B . 25.38 -0.13 15.42
C4 NAG B . 26.28 0.71 14.57
C5 NAG B . 25.65 1.16 13.43
C6 NAG B . 26.50 2.07 12.45
C7 NAG B . 24.04 -3.42 15.13
C8 NAG B . 22.95 -4.06 16.09
N2 NAG B . 23.91 -2.06 15.22
O3 NAG B . 26.15 -0.75 16.47
O4 NAG B . 26.51 1.92 15.34
O5 NAG B . 25.13 0.12 12.54
O6 NAG B . 27.51 1.22 11.86
O7 NAG B . 24.79 -3.97 14.63
C1 NAG B . 27.73 2.32 15.64
C2 NAG B . 27.89 3.79 16.02
C3 NAG B . 29.32 4.06 16.32
C4 NAG B . 29.89 2.84 16.97
C5 NAG B . 29.63 1.47 15.96
C6 NAG B . 30.32 0.45 17.18
C7 NAG B . 26.42 5.35 14.87
C8 NAG B . 26.18 6.05 13.52
N2 NAG B . 27.57 4.68 14.91
O3 NAG B . 29.36 5.24 17.11
O4 NAG B . 31.26 3.01 17.14
O5 NAG B . 28.28 1.32 16.50
O6 NAG B . 29.72 0.91 18.42
O7 NAG B . 25.47 5.12 15.66
C1 NAG C . -3.62 15.04 30.04
C2 NAG C . -3.90 14.15 31.26
C3 NAG C . -4.01 15.13 32.44
C4 NAG C . -2.72 15.94 32.53
C5 NAG C . -2.52 16.66 31.19
C6 NAG C . -1.26 17.51 31.12
C7 NAG C . -5.30 12.19 31.16
C8 NAG C . -6.72 11.70 30.97
N2 NAG C . -5.20 13.52 31.04
O3 NAG C . -4.19 14.38 33.64
O4 NAG C . -2.89 16.90 33.56
O5 NAG C . -2.33 15.65 30.20
O6 NAG C . -0.11 16.72 31.46
O7 NAG C . -4.36 11.43 31.40
C1 NAG C . -1.80 17.02 34.40
C2 NAG C . -2.04 18.26 35.31
C3 NAG C . -1.01 18.33 36.37
C4 NAG C . -0.96 16.98 37.14
C5 NAG C . -0.71 15.83 36.14
C6 NAG C . -0.76 14.47 36.86
C7 NAG C . -3.04 20.16 34.18
C8 NAG C . -2.79 21.40 33.36
N2 NAG C . -1.93 19.46 34.51
O3 NAG C . -1.33 19.40 37.25
O4 NAG C . 0.13 17.07 38.03
O5 NAG C . -1.79 15.85 35.21
O6 NAG C . -0.40 13.47 35.88
O7 NAG C . -4.17 19.85 34.64
C1 BMA C . -0.10 16.64 39.33
C2 BMA C . 1.21 16.27 39.96
C3 BMA C . 1.01 15.87 41.35
C4 BMA C . 0.14 16.77 42.16
C5 BMA C . -1.19 17.17 41.41
C6 BMA C . -1.92 18.39 42.02
O2 BMA C . 2.12 17.36 39.83
O3 BMA C . 2.24 15.48 41.99
O4 BMA C . -0.09 16.30 43.50
O5 BMA C . -0.79 17.66 40.09
O6 BMA C . -0.94 19.48 42.22
C1 XYP C . 3.15 17.20 38.92
C2 XYP C . 3.72 18.54 38.55
C3 XYP C . 5.06 18.48 37.80
C4 XYP C . 6.02 17.52 38.51
C5 XYP C . 5.27 16.16 38.61
O2 XYP C . 2.85 19.12 37.55
O3 XYP C . 5.57 19.85 37.83
O4 XYP C . 7.15 17.31 37.66
O5 XYP C . 4.15 16.33 39.47
C1 FUC C . -5.55 14.25 34.04
C2 FUC C . -5.68 13.14 35.12
C3 FUC C . -4.83 13.65 36.33
C4 FUC C . -5.31 15.00 36.83
C5 FUC C . -5.29 16.02 35.72
C6 FUC C . -5.99 17.37 36.09
O2 FUC C . -4.97 11.95 34.65
O3 FUC C . -5.22 12.70 37.35
O4 FUC C . -6.67 14.82 37.29
O5 FUC C . -6.04 15.50 34.56
C1 NAG D . 13.77 22.51 1.79
C2 NAG D . 13.65 22.50 3.23
C3 NAG D . 14.54 23.65 3.68
C4 NAG D . 15.91 23.47 3.11
C5 NAG D . 15.77 23.50 1.57
C6 NAG D . 17.16 23.23 0.90
C7 NAG D . 11.62 21.70 4.28
C8 NAG D . 10.14 21.96 4.53
N2 NAG D . 12.29 22.61 3.62
O3 NAG D . 14.67 23.49 5.10
O4 NAG D . 16.67 24.62 3.47
O5 NAG D . 15.00 22.32 1.17
O6 NAG D . 16.97 23.30 -0.53
O7 NAG D . 12.21 20.68 4.70
C1 NAG D . 17.94 24.32 3.88
C2 NAG D . 18.75 25.65 3.83
C3 NAG D . 20.07 25.38 4.38
C4 NAG D . 20.02 24.72 5.77
C5 NAG D . 19.11 23.47 5.71
C6 NAG D . 18.94 22.92 7.12
C7 NAG D . 18.33 27.20 2.02
C8 NAG D . 18.54 27.46 0.52
N2 NAG D . 18.95 26.09 2.44
O3 NAG D . 20.84 26.59 4.46
O4 NAG D . 21.33 24.21 5.96
O5 NAG D . 17.85 23.92 5.25
O6 NAG D . 18.30 21.64 6.95
O7 NAG D . 17.41 27.78 2.68
C1 BMA D . 21.95 24.63 7.08
C2 BMA D . 22.74 23.37 7.37
C3 BMA D . 23.51 23.71 8.53
C4 BMA D . 24.26 25.00 8.28
C5 BMA D . 23.46 26.28 7.80
C6 BMA D . 24.00 27.53 7.03
O2 BMA D . 23.73 23.16 6.38
O3 BMA D . 24.48 22.66 8.85
O4 BMA D . 25.19 24.77 9.34
O5 BMA D . 22.80 25.73 6.65
O6 BMA D . 25.10 27.29 6.14
C1 XYP D . 23.50 21.96 5.64
C2 XYP D . 24.04 22.06 4.26
C3 XYP D . 24.03 20.67 3.54
C4 XYP D . 24.93 19.73 4.34
C5 XYP D . 24.36 19.73 5.77
O2 XYP D . 23.20 22.90 3.48
O3 XYP D . 24.48 20.80 2.14
O4 XYP D . 24.75 18.43 3.75
O5 XYP D . 24.39 21.09 6.30
C1 MAN D . 24.42 22.10 10.16
C2 MAN D . 25.55 21.08 10.27
C3 MAN D . 25.41 19.87 9.36
C4 MAN D . 24.05 19.19 9.77
C5 MAN D . 22.94 20.28 9.43
C6 MAN D . 21.60 19.76 9.95
O2 MAN D . 25.71 20.52 11.57
O3 MAN D . 26.47 18.93 9.67
O4 MAN D . 23.80 18.05 8.94
O5 MAN D . 23.13 21.51 10.27
O6 MAN D . 20.61 20.65 9.47
C1 MAN D . 25.35 28.23 5.08
C2 MAN D . 26.51 27.59 4.19
C3 MAN D . 27.39 26.55 4.99
C4 MAN D . 27.96 27.44 6.15
C5 MAN D . 26.87 28.36 6.67
C6 MAN D . 26.15 28.74 7.87
O2 MAN D . 27.33 28.72 3.84
O3 MAN D . 28.50 26.06 4.24
O4 MAN D . 28.78 26.44 6.83
O5 MAN D . 26.04 29.33 5.77
O6 MAN D . 26.77 29.32 9.00
C1 FUC D . 13.64 24.17 5.81
C2 FUC D . 13.67 23.63 7.29
C3 FUC D . 15.09 24.05 7.82
C4 FUC D . 15.27 25.53 7.74
C5 FUC D . 15.17 25.98 6.22
C6 FUC D . 15.15 27.52 6.13
O2 FUC D . 13.62 22.20 7.21
O3 FUC D . 15.22 23.62 9.18
O4 FUC D . 14.16 26.13 8.52
O5 FUC D . 13.87 25.56 5.74
C1 NAG E . -27.38 9.57 -4.98
C2 NAG E . -28.85 9.29 -5.17
C3 NAG E . -29.35 10.71 -5.30
C4 NAG E . -28.93 11.47 -4.03
C5 NAG E . -27.40 11.54 -3.87
C6 NAG E . -26.90 12.19 -2.61
C7 NAG E . -29.88 7.43 -6.44
C8 NAG E . -30.11 6.86 -7.79
N2 NAG E . -29.11 8.52 -6.40
O3 NAG E . -30.75 10.66 -5.47
O4 NAG E . -29.45 12.82 -4.08
O5 NAG E . -26.98 10.15 -3.75
O6 NAG E . -25.48 12.37 -2.69
O7 NAG E . -30.35 6.95 -5.50
C1 NAG F . -22.53 1.66 -15.93
C2 NAG F . -24.03 1.40 -15.88
C3 NAG F . -24.56 2.34 -16.95
C4 NAG F . -24.11 3.76 -16.51
C5 NAG F . -22.58 3.87 -16.44
C6 NAG F . -22.07 5.20 -15.97
C7 NAG F . -24.78 -0.92 -15.31
C8 NAG F . -25.13 -2.26 -15.88
N2 NAG F . -24.31 -0.02 -16.20
O3 NAG F . -25.95 2.23 -16.89
O4 NAG F . -24.53 4.71 -17.52
O5 NAG F . -22.18 2.93 -15.39
O6 NAG F . -22.66 5.64 -14.78
O7 NAG F . -24.93 -0.66 -14.21
C1 NAG G . 16.32 7.33 -22.91
C2 NAG G . 17.26 7.37 -21.75
C3 NAG G . 18.49 7.76 -22.54
C4 NAG G . 18.59 6.78 -23.73
C5 NAG G . 17.44 6.74 -24.74
C6 NAG G . 17.52 5.57 -25.68
C7 NAG G . 16.48 8.59 -19.51
C8 NAG G . 16.16 7.96 -18.23
N2 NAG G . 16.79 8.17 -20.69
O3 NAG G . 19.60 7.57 -21.68
O4 NAG G . 19.72 7.25 -24.54
O5 NAG G . 16.23 6.46 -23.99
O6 NAG G . 17.72 4.43 -24.92
O7 NAG G . 16.43 9.72 -19.61
C1 NAG H . 9.43 -19.31 14.44
C2 NAG H . 9.71 -19.51 15.90
C3 NAG H . 11.05 -18.97 16.29
C4 NAG H . 12.16 -19.38 15.31
C5 NAG H . 11.80 -19.01 13.87
C6 NAG H . 12.78 -19.66 12.88
C7 NAG H . 7.83 -19.32 17.52
C8 NAG H . 6.94 -18.37 18.23
N2 NAG H . 8.66 -18.74 16.62
O3 NAG H . 11.31 -19.68 17.52
O4 NAG H . 13.35 -18.61 15.57
O5 NAG H . 10.52 -19.49 13.57
O6 NAG H . 12.68 -18.99 11.64
O7 NAG H . 7.84 -20.45 17.71
C1 NAG I . 14.60 -4.30 24.10
C2 NAG I . 14.41 -3.76 25.53
C3 NAG I . 13.13 -4.31 26.16
C4 NAG I . 11.93 -3.95 25.26
C5 NAG I . 12.20 -4.54 23.85
C6 NAG I . 11.17 -4.07 22.82
C7 NAG I . 16.58 -3.24 26.66
C8 NAG I . 17.83 -3.91 27.10
N2 NAG I . 15.54 -4.09 26.41
O3 NAG I . 13.03 -3.67 27.42
O4 NAG I . 10.66 -4.43 25.73
O5 NAG I . 13.38 -3.92 23.44
O6 NAG I . 11.73 -3.07 22.02
O7 NAG I . 16.45 -2.12 26.52
C1 NAG J . -14.77 -25.66 -9.02
C2 NAG J . -15.49 -26.87 -9.51
C3 NAG J . -15.86 -26.64 -10.95
C4 NAG J . -16.67 -25.32 -10.95
C5 NAG J . -15.77 -24.13 -10.53
C6 NAG J . -16.58 -22.85 -10.53
C7 NAG J . -14.86 -29.06 -8.48
C8 NAG J . -13.86 -30.14 -8.50
N2 NAG J . -14.59 -28.03 -9.34
O3 NAG J . -16.70 -27.74 -11.24
O4 NAG J . -17.18 -25.08 -12.26
O5 NAG J . -15.39 -24.38 -9.18
O6 NAG J . -17.66 -22.94 -9.65
O7 NAG J . -15.77 -29.05 -7.79
ZN ZN K . 6.20 -23.13 -2.25
S SO4 L . 25.33 -8.28 4.77
O1 SO4 L . 25.02 -7.35 5.90
O2 SO4 L . 26.54 -7.87 4.02
O3 SO4 L . 24.18 -8.63 4.08
O4 SO4 L . 25.80 -9.54 5.50
S SO4 M . 25.42 -9.78 -15.76
O1 SO4 M . 25.57 -8.45 -16.42
O2 SO4 M . 24.20 -10.51 -16.19
O3 SO4 M . 25.39 -9.68 -14.26
O4 SO4 M . 26.62 -10.61 -16.13
S SO4 N . 3.03 0.15 13.55
O1 SO4 N . 3.73 1.38 12.88
O2 SO4 N . 2.32 -0.47 12.41
O3 SO4 N . 2.03 0.75 14.40
O4 SO4 N . 4.07 -0.69 14.13
S SO4 O . -21.53 9.97 14.84
O1 SO4 O . -20.40 10.70 14.27
O2 SO4 O . -22.81 10.46 14.26
O3 SO4 O . -21.56 10.11 16.30
O4 SO4 O . -21.32 8.53 14.54
S SO4 P . 8.87 17.21 23.89
O1 SO4 P . 7.51 17.81 24.21
O2 SO4 P . 8.44 15.85 24.64
O3 SO4 P . 9.99 17.48 24.79
O4 SO4 P . 9.16 16.78 22.52
S SO4 Q . 13.88 -6.22 -24.61
O1 SO4 Q . 13.16 -4.93 -24.93
O2 SO4 Q . 14.84 -6.42 -25.77
O3 SO4 Q . 12.79 -7.27 -24.76
O4 SO4 Q . 14.62 -6.34 -23.29
S SO4 R . 4.92 -22.13 14.28
O1 SO4 R . 3.94 -21.22 13.58
O2 SO4 R . 4.24 -22.94 15.35
O3 SO4 R . 6.05 -21.36 14.88
O4 SO4 R . 5.50 -23.08 13.27
S SO4 S . 4.04 -1.53 11.19
O1 SO4 S . 3.98 -1.41 9.62
O2 SO4 S . 2.62 -2.02 11.23
O3 SO4 S . 4.34 -0.14 11.38
O4 SO4 S . 4.95 -2.66 11.37
C1 GOL T . 2.42 24.14 31.18
O1 GOL T . 3.09 25.36 31.04
C2 GOL T . 2.93 23.03 30.30
O2 GOL T . 1.97 22.55 29.34
C3 GOL T . 3.46 21.83 31.09
O3 GOL T . 2.81 21.71 32.33
C1 GOL U . 14.59 -13.58 1.71
O1 GOL U . 13.90 -13.83 3.00
O1 GOL U . 13.68 -13.27 0.75
C2 GOL U . 16.01 -13.27 2.00
O2 GOL U . 16.87 -13.10 0.90
C3 GOL U . 16.71 -14.34 2.88
O3 GOL U . 16.70 -15.59 2.26
C1 GOL V . -2.15 9.90 -25.17
O1 GOL V . -2.97 9.03 -26.21
C2 GOL V . -2.04 11.46 -25.73
O2 GOL V . -2.72 11.89 -26.98
C3 GOL V . -0.60 12.01 -25.61
O3 GOL V . 0.25 12.09 -26.70
C1 GOL W . -10.87 2.57 -22.09
O1 GOL W . -12.21 2.70 -21.58
C2 GOL W . -9.92 3.55 -21.41
O2 GOL W . -10.23 4.92 -21.76
C3 GOL W . -10.20 3.43 -19.92
O3 GOL W . -9.26 4.26 -19.26
C1 GOL X . -1.79 -5.38 1.85
O1 GOL X . -2.67 -6.48 1.56
C2 GOL X . -1.51 -4.60 0.54
O2 GOL X . -0.63 -5.42 -0.25
C3 GOL X . -0.64 -3.42 1.03
O3 GOL X . -0.20 -2.64 -0.09
#